data_1YLH
#
_entry.id   1YLH
#
_cell.length_a   56.737
_cell.length_b   55.089
_cell.length_c   90.077
_cell.angle_alpha   90.00
_cell.angle_beta   106.17
_cell.angle_gamma   90.00
#
_symmetry.space_group_name_H-M   'P 1 21 1'
#
loop_
_entity.id
_entity.type
_entity.pdbx_description
1 polymer 'phosphoenolpyruvate carboxykinase'
2 non-polymer 'MANGANESE (II) ION'
3 non-polymer 'PHOSPHATE ION'
4 non-polymer (2S,3S)-2,3-DIHYDROXY-4-SULFANYLBUTANE-1-SULFONATE
5 non-polymer BETA-MERCAPTOETHANOL
6 non-polymer 'PYRUVIC ACID'
7 non-polymer 'FORMIC ACID'
8 water water
#
_entity_poly.entity_id   1
_entity_poly.type   'polypeptide(L)'
_entity_poly.pdbx_seq_one_letter_code
;MGHHHHHHDYDIPTTENLYFQGMTDLNKLVKELNDLGLTDVKEIVYNPSYEQLFEEETKPGLEGFDKGTLTTLGAVAVDT
GIFTGRSPKDKYIVCDETTKDTVWWNSEAAKNDNKPMTQETWKSLRELVAKQLSGKRLFVVEGYCGASEKHRIGVRMVTE
VAWQAHFVKNMFIRPTDEELKNFKADFTVLNGAKCTNPNWKEQGLNSENFVAFNITEGIQLIGGTWYGGEMKKGMFSMMN
YFLPLKGVASMHCSANVGKDGDVAIFFGLSGTGKTTLSTDPKRQLIGDDEHGWDESGVFNFEGGCYAKTINLSQENEPDI
YGAIRRDALLENVVVRADGSVDFDDGSKTENTRVSYPIYHIDNIVRPVSKAGHATKVIFLTADAFGVLPPVSKLTPEQTE
YYFLSGFTAKLAGTERGVTEPTPTFSACFGAAFLSLHPIQYADVLVERMKASGAEAYLVNTGWNGTGKRISIKDTRGIID
AILDGSIEKAEMGELPIFNLAIPKALPGVDPAILDPRDTYADKAQWQVKAEDLANRFVKNFVKYTANPEAAKLVGAGPKA
;
_entity_poly.pdbx_strand_id   A
#
loop_
_chem_comp.id
_chem_comp.type
_chem_comp.name
_chem_comp.formula
BME non-polymer BETA-MERCAPTOETHANOL 'C2 H6 O S'
DT3 non-polymer (2S,3S)-2,3-DIHYDROXY-4-SULFANYLBUTANE-1-SULFONATE 'C4 H9 O5 S2 -1'
FMT non-polymer 'FORMIC ACID' 'C H2 O2'
MN non-polymer 'MANGANESE (II) ION' 'Mn 2'
PO4 non-polymer 'PHOSPHATE ION' 'O4 P -3'
PYR non-polymer 'PYRUVIC ACID' 'C3 H4 O3'
#
# COMPACT_ATOMS: atom_id res chain seq x y z
N ASP A 25 -21.04 -13.95 -23.72
CA ASP A 25 -20.78 -13.04 -22.58
C ASP A 25 -20.04 -11.78 -23.04
N LEU A 26 -19.39 -11.88 -24.19
CA LEU A 26 -18.67 -10.75 -24.77
C LEU A 26 -19.65 -9.66 -25.19
N ASN A 27 -20.83 -10.07 -25.66
CA ASN A 27 -21.83 -9.10 -26.09
C ASN A 27 -22.22 -8.19 -24.95
N LYS A 28 -22.49 -8.80 -23.79
CA LYS A 28 -22.86 -8.03 -22.61
C LYS A 28 -21.71 -7.10 -22.27
N LEU A 29 -20.48 -7.58 -22.45
CA LEU A 29 -19.29 -6.77 -22.16
C LEU A 29 -19.21 -5.56 -23.09
N VAL A 30 -19.36 -5.80 -24.38
CA VAL A 30 -19.30 -4.71 -25.36
C VAL A 30 -20.38 -3.67 -25.05
N LYS A 31 -21.55 -4.15 -24.64
CA LYS A 31 -22.65 -3.25 -24.29
C LYS A 31 -22.26 -2.37 -23.10
N GLU A 32 -21.70 -2.99 -22.06
CA GLU A 32 -21.29 -2.25 -20.88
C GLU A 32 -20.21 -1.23 -21.23
N LEU A 33 -19.31 -1.59 -22.14
CA LEU A 33 -18.26 -0.65 -22.56
C LEU A 33 -18.90 0.48 -23.37
N ASN A 34 -19.88 0.14 -24.20
CA ASN A 34 -20.58 1.14 -25.00
C ASN A 34 -21.26 2.13 -24.07
N ASP A 35 -21.82 1.63 -22.96
CA ASP A 35 -22.50 2.51 -22.01
C ASP A 35 -21.53 3.45 -21.30
N LEU A 36 -20.24 3.12 -21.33
CA LEU A 36 -19.21 3.96 -20.72
C LEU A 36 -18.73 4.98 -21.74
N GLY A 37 -19.13 4.81 -23.00
CA GLY A 37 -18.73 5.77 -24.02
C GLY A 37 -17.83 5.25 -25.12
N LEU A 38 -17.32 4.04 -24.95
CA LEU A 38 -16.42 3.46 -25.96
C LEU A 38 -17.26 3.09 -27.17
N THR A 39 -16.73 3.34 -28.36
CA THR A 39 -17.44 3.02 -29.59
C THR A 39 -16.54 2.26 -30.55
N ASP A 40 -17.14 1.67 -31.58
CA ASP A 40 -16.39 0.96 -32.61
C ASP A 40 -15.37 -0.01 -32.04
N VAL A 41 -15.74 -0.72 -30.98
CA VAL A 41 -14.84 -1.67 -30.35
C VAL A 41 -14.50 -2.84 -31.27
N LYS A 42 -13.21 -3.15 -31.39
CA LYS A 42 -12.78 -4.27 -32.24
C LYS A 42 -12.67 -5.52 -31.38
N GLU A 43 -11.68 -6.35 -31.67
CA GLU A 43 -11.52 -7.57 -30.90
C GLU A 43 -11.24 -7.25 -29.43
N ILE A 44 -11.76 -8.08 -28.54
CA ILE A 44 -11.51 -7.92 -27.12
C ILE A 44 -10.82 -9.19 -26.64
N VAL A 45 -9.67 -9.01 -26.00
CA VAL A 45 -8.92 -10.11 -25.44
C VAL A 45 -9.38 -10.06 -23.99
N TYR A 46 -10.29 -10.97 -23.66
CA TYR A 46 -10.95 -11.03 -22.37
C TYR A 46 -10.34 -12.04 -21.40
N ASN A 47 -9.86 -11.54 -20.26
CA ASN A 47 -9.25 -12.39 -19.25
C ASN A 47 -8.27 -13.39 -19.84
N PRO A 48 -7.27 -12.87 -20.57
CA PRO A 48 -6.28 -13.75 -21.17
C PRO A 48 -5.47 -14.52 -20.14
N SER A 49 -4.93 -15.65 -20.56
CA SER A 49 -4.10 -16.47 -19.71
C SER A 49 -2.74 -15.78 -19.64
N TYR A 50 -1.89 -16.24 -18.74
CA TYR A 50 -0.56 -15.66 -18.66
C TYR A 50 0.23 -15.95 -19.94
N GLU A 51 -0.01 -17.12 -20.54
CA GLU A 51 0.70 -17.52 -21.76
C GLU A 51 0.30 -16.59 -22.91
N GLN A 52 -0.99 -16.27 -22.97
CA GLN A 52 -1.48 -15.38 -24.01
C GLN A 52 -0.91 -13.97 -23.81
N LEU A 53 -0.87 -13.51 -22.56
CA LEU A 53 -0.33 -12.18 -22.30
C LEU A 53 1.16 -12.09 -22.68
N PHE A 54 1.91 -13.13 -22.37
CA PHE A 54 3.33 -13.17 -22.68
C PHE A 54 3.53 -12.98 -24.18
N GLU A 55 2.77 -13.74 -24.96
CA GLU A 55 2.88 -13.61 -26.42
C GLU A 55 2.44 -12.22 -26.90
N GLU A 56 1.37 -11.69 -26.32
CA GLU A 56 0.90 -10.36 -26.71
C GLU A 56 1.93 -9.27 -26.45
N GLU A 57 2.64 -9.41 -25.33
CA GLU A 57 3.63 -8.40 -24.96
C GLU A 57 4.88 -8.39 -25.81
N THR A 58 5.13 -9.51 -26.48
CA THR A 58 6.33 -9.67 -27.25
C THR A 58 6.13 -9.88 -28.75
N LYS A 59 4.91 -9.68 -29.22
CA LYS A 59 4.62 -9.88 -30.64
C LYS A 59 5.37 -8.85 -31.48
N PRO A 60 5.77 -9.23 -32.70
CA PRO A 60 6.49 -8.28 -33.54
C PRO A 60 5.56 -7.16 -33.95
N GLY A 61 6.10 -5.94 -34.05
CA GLY A 61 5.28 -4.83 -34.47
C GLY A 61 4.89 -3.84 -33.39
N LEU A 62 5.00 -4.22 -32.12
CA LEU A 62 4.62 -3.31 -31.04
C LEU A 62 5.50 -2.10 -31.06
N GLU A 63 4.90 -0.94 -30.80
CA GLU A 63 5.64 0.31 -30.80
C GLU A 63 5.53 1.01 -29.47
N GLY A 64 6.44 1.94 -29.25
CA GLY A 64 6.40 2.72 -28.03
C GLY A 64 6.48 1.90 -26.76
N PHE A 65 5.86 2.42 -25.71
CA PHE A 65 5.91 1.76 -24.42
C PHE A 65 5.08 0.50 -24.33
N ASP A 66 4.38 0.18 -25.42
CA ASP A 66 3.58 -1.05 -25.45
C ASP A 66 4.51 -2.26 -25.48
N LYS A 67 5.72 -2.06 -26.03
CA LYS A 67 6.63 -3.17 -26.23
C LYS A 67 7.30 -3.82 -25.03
N GLY A 68 7.15 -5.14 -24.96
CA GLY A 68 7.80 -5.91 -23.91
C GLY A 68 9.09 -6.49 -24.49
N THR A 69 10.10 -6.64 -23.63
CA THR A 69 11.38 -7.16 -24.05
C THR A 69 11.70 -8.47 -23.30
N LEU A 70 12.17 -9.46 -24.04
CA LEU A 70 12.53 -10.76 -23.46
C LEU A 70 13.83 -10.62 -22.68
N THR A 71 13.90 -11.26 -21.51
CA THR A 71 15.12 -11.21 -20.69
C THR A 71 15.68 -12.60 -20.46
N THR A 72 16.91 -12.64 -19.95
CA THR A 72 17.55 -13.90 -19.66
C THR A 72 16.83 -14.63 -18.53
N LEU A 73 15.97 -13.91 -17.80
CA LEU A 73 15.23 -14.53 -16.69
C LEU A 73 13.94 -15.20 -17.13
N GLY A 74 13.54 -14.95 -18.37
CA GLY A 74 12.30 -15.53 -18.90
C GLY A 74 11.12 -14.66 -18.53
N ALA A 75 11.41 -13.49 -17.96
CA ALA A 75 10.38 -12.52 -17.57
C ALA A 75 10.40 -11.34 -18.54
N VAL A 76 9.22 -10.87 -18.91
CA VAL A 76 9.12 -9.71 -19.80
C VAL A 76 9.39 -8.39 -19.05
N ALA A 77 10.09 -7.48 -19.72
CA ALA A 77 10.40 -6.17 -19.14
C ALA A 77 9.78 -5.07 -20.00
N VAL A 78 9.23 -4.06 -19.33
CA VAL A 78 8.62 -2.91 -20.01
C VAL A 78 9.08 -1.61 -19.34
N ASP A 79 8.89 -0.50 -20.05
CA ASP A 79 9.25 0.83 -19.55
C ASP A 79 7.98 1.66 -19.47
N THR A 80 8.00 2.70 -18.62
CA THR A 80 6.82 3.52 -18.46
C THR A 80 6.95 5.00 -18.83
N GLY A 81 8.04 5.36 -19.47
CA GLY A 81 8.20 6.75 -19.88
C GLY A 81 8.41 7.79 -18.81
N ILE A 82 7.77 8.94 -19.01
CA ILE A 82 7.88 10.09 -18.13
C ILE A 82 7.67 9.82 -16.65
N PHE A 83 6.59 9.11 -16.34
CA PHE A 83 6.25 8.77 -14.97
C PHE A 83 6.80 7.41 -14.52
N THR A 84 7.67 7.45 -13.51
CA THR A 84 8.27 6.25 -12.96
C THR A 84 7.91 6.11 -11.50
N GLY A 85 6.80 6.77 -11.14
CA GLY A 85 6.28 6.74 -9.79
C GLY A 85 4.90 7.38 -9.83
N ARG A 86 4.18 7.35 -8.72
CA ARG A 86 2.83 7.96 -8.71
C ARG A 86 2.90 9.46 -8.93
N SER A 87 1.79 10.03 -9.36
CA SER A 87 1.72 11.46 -9.56
C SER A 87 0.58 11.99 -8.70
N PRO A 88 0.85 12.20 -7.42
CA PRO A 88 -0.17 12.71 -6.51
C PRO A 88 -0.74 14.06 -6.93
N LYS A 89 0.09 14.91 -7.55
CA LYS A 89 -0.40 16.23 -7.96
C LYS A 89 -1.45 16.15 -9.05
N ASP A 90 -1.53 15.01 -9.73
CA ASP A 90 -2.52 14.80 -10.77
C ASP A 90 -3.72 13.96 -10.29
N LYS A 91 -3.81 13.72 -8.98
CA LYS A 91 -4.91 12.92 -8.45
C LYS A 91 -6.13 13.79 -8.10
N TYR A 92 -7.32 13.34 -8.53
CA TYR A 92 -8.58 14.04 -8.28
C TYR A 92 -9.70 13.07 -7.98
N ILE A 93 -10.65 13.53 -7.14
CA ILE A 93 -11.83 12.76 -6.82
C ILE A 93 -13.00 13.69 -7.15
N VAL A 94 -13.99 13.17 -7.88
CA VAL A 94 -15.13 14.01 -8.28
C VAL A 94 -15.98 14.42 -7.09
N CYS A 95 -16.26 15.71 -7.06
CA CYS A 95 -17.08 16.35 -6.02
C CYS A 95 -18.55 16.21 -6.43
N ASP A 96 -19.30 15.37 -5.70
CA ASP A 96 -20.72 15.18 -5.98
C ASP A 96 -21.52 14.92 -4.70
N GLU A 97 -22.79 14.55 -4.84
CA GLU A 97 -23.62 14.30 -3.67
C GLU A 97 -23.14 13.16 -2.78
N THR A 98 -22.43 12.22 -3.38
CA THR A 98 -21.91 11.09 -2.60
C THR A 98 -20.66 11.49 -1.81
N THR A 99 -19.76 12.23 -2.46
CA THR A 99 -18.48 12.62 -1.86
C THR A 99 -18.37 13.95 -1.10
N LYS A 100 -19.28 14.87 -1.38
CA LYS A 100 -19.24 16.18 -0.74
C LYS A 100 -18.92 16.15 0.76
N ASP A 101 -19.71 15.40 1.52
CA ASP A 101 -19.55 15.32 2.97
C ASP A 101 -18.83 14.09 3.48
N THR A 102 -18.34 13.24 2.58
CA THR A 102 -17.69 12.01 3.01
C THR A 102 -16.18 11.92 2.73
N VAL A 103 -15.72 12.54 1.65
CA VAL A 103 -14.30 12.49 1.31
C VAL A 103 -13.48 13.50 2.13
N TRP A 104 -12.27 13.10 2.51
CA TRP A 104 -11.39 13.97 3.27
C TRP A 104 -10.71 14.94 2.29
N TRP A 105 -11.46 15.96 1.88
CA TRP A 105 -10.94 16.93 0.92
C TRP A 105 -9.71 17.69 1.36
N ASN A 106 -8.86 17.99 0.39
CA ASN A 106 -7.67 18.80 0.59
C ASN A 106 -8.20 20.14 1.14
N SER A 107 -7.45 20.76 2.05
CA SER A 107 -7.86 22.03 2.65
C SER A 107 -6.63 22.75 3.18
N GLU A 108 -6.79 24.02 3.55
CA GLU A 108 -5.65 24.76 4.06
C GLU A 108 -5.25 24.22 5.42
N ALA A 109 -6.23 23.69 6.15
CA ALA A 109 -5.93 23.13 7.48
C ALA A 109 -5.03 21.88 7.40
N ALA A 110 -5.22 21.09 6.37
CA ALA A 110 -4.44 19.87 6.22
C ALA A 110 -4.36 19.53 4.74
N LYS A 111 -3.22 19.84 4.15
CA LYS A 111 -3.01 19.59 2.72
C LYS A 111 -2.94 18.11 2.41
N ASN A 112 -3.65 17.69 1.36
CA ASN A 112 -3.61 16.29 0.94
C ASN A 112 -3.90 16.22 -0.55
N ASP A 113 -3.85 15.01 -1.12
CA ASP A 113 -4.06 14.86 -2.54
C ASP A 113 -5.49 14.65 -2.99
N ASN A 114 -6.44 14.70 -2.06
CA ASN A 114 -7.84 14.55 -2.46
C ASN A 114 -8.36 15.89 -2.96
N LYS A 115 -8.08 16.18 -4.22
CA LYS A 115 -8.49 17.44 -4.84
C LYS A 115 -9.81 17.22 -5.56
N PRO A 116 -10.79 18.12 -5.34
CA PRO A 116 -12.10 17.99 -5.97
C PRO A 116 -12.13 18.28 -7.46
N MET A 117 -12.90 17.49 -8.21
CA MET A 117 -13.03 17.71 -9.65
C MET A 117 -14.50 17.93 -9.90
N THR A 118 -14.84 18.86 -10.79
CA THR A 118 -16.25 19.10 -11.06
C THR A 118 -16.81 17.99 -11.94
N GLN A 119 -18.12 17.79 -11.86
CA GLN A 119 -18.76 16.76 -12.67
C GLN A 119 -18.58 17.09 -14.16
N GLU A 120 -18.54 18.37 -14.48
CA GLU A 120 -18.38 18.81 -15.88
C GLU A 120 -17.02 18.41 -16.43
N THR A 121 -15.98 18.63 -15.64
CA THR A 121 -14.65 18.27 -16.08
C THR A 121 -14.51 16.75 -16.14
N TRP A 122 -15.11 16.04 -15.18
CA TRP A 122 -15.07 14.58 -15.17
C TRP A 122 -15.69 14.05 -16.46
N LYS A 123 -16.84 14.59 -16.83
CA LYS A 123 -17.52 14.15 -18.05
C LYS A 123 -16.59 14.32 -19.24
N SER A 124 -15.91 15.46 -19.31
CA SER A 124 -15.00 15.71 -20.42
C SER A 124 -13.88 14.68 -20.46
N LEU A 125 -13.33 14.37 -19.29
CA LEU A 125 -12.25 13.41 -19.23
C LEU A 125 -12.68 11.99 -19.51
N ARG A 126 -13.86 11.61 -19.03
CA ARG A 126 -14.34 10.26 -19.28
C ARG A 126 -14.58 10.10 -20.77
N GLU A 127 -15.10 11.15 -21.41
CA GLU A 127 -15.36 11.09 -22.84
C GLU A 127 -14.04 11.02 -23.59
N LEU A 128 -13.02 11.73 -23.09
CA LEU A 128 -11.71 11.73 -23.74
C LEU A 128 -11.06 10.34 -23.67
N VAL A 129 -11.09 9.72 -22.49
CA VAL A 129 -10.50 8.38 -22.36
C VAL A 129 -11.30 7.36 -23.18
N ALA A 130 -12.62 7.48 -23.16
CA ALA A 130 -13.46 6.56 -23.92
C ALA A 130 -13.10 6.68 -25.40
N LYS A 131 -12.82 7.89 -25.87
CA LYS A 131 -12.45 8.10 -27.28
C LYS A 131 -11.09 7.45 -27.55
N GLN A 132 -10.16 7.59 -26.60
CA GLN A 132 -8.84 6.98 -26.75
C GLN A 132 -8.98 5.46 -26.88
N LEU A 133 -9.95 4.89 -26.19
CA LEU A 133 -10.11 3.44 -26.22
C LEU A 133 -11.16 2.94 -27.20
N SER A 134 -11.53 3.81 -28.13
CA SER A 134 -12.50 3.47 -29.17
C SER A 134 -11.80 3.07 -30.49
N GLY A 135 -12.46 2.22 -31.26
CA GLY A 135 -11.92 1.81 -32.56
C GLY A 135 -10.69 0.96 -32.52
N LYS A 136 -10.49 0.23 -31.43
CA LYS A 136 -9.31 -0.60 -31.38
C LYS A 136 -9.49 -1.87 -30.62
N ARG A 137 -8.43 -2.69 -30.66
CA ARG A 137 -8.41 -3.97 -29.98
C ARG A 137 -8.16 -3.64 -28.52
N LEU A 138 -8.95 -4.26 -27.65
CA LEU A 138 -8.82 -4.00 -26.22
C LEU A 138 -8.51 -5.23 -25.40
N PHE A 139 -7.91 -5.02 -24.23
CA PHE A 139 -7.66 -6.11 -23.30
C PHE A 139 -8.53 -5.76 -22.12
N VAL A 140 -9.25 -6.75 -21.60
CA VAL A 140 -10.11 -6.53 -20.46
C VAL A 140 -9.79 -7.61 -19.44
N VAL A 141 -9.50 -7.19 -18.21
CA VAL A 141 -9.19 -8.14 -17.14
C VAL A 141 -10.05 -7.85 -15.94
N GLU A 142 -10.63 -8.91 -15.39
CA GLU A 142 -11.49 -8.79 -14.22
C GLU A 142 -10.80 -9.52 -13.07
N GLY A 143 -10.77 -8.86 -11.91
CA GLY A 143 -10.15 -9.50 -10.75
C GLY A 143 -10.78 -8.89 -9.51
N TYR A 144 -10.42 -9.39 -8.34
CA TYR A 144 -10.98 -8.86 -7.11
C TYR A 144 -9.97 -8.10 -6.28
N CYS A 145 -10.41 -7.02 -5.64
CA CYS A 145 -9.56 -6.28 -4.73
C CYS A 145 -10.18 -6.68 -3.38
N GLY A 146 -9.47 -7.54 -2.65
CA GLY A 146 -9.97 -8.03 -1.37
C GLY A 146 -10.24 -9.53 -1.42
N ALA A 147 -9.62 -10.28 -0.51
CA ALA A 147 -9.79 -11.74 -0.44
C ALA A 147 -11.04 -12.07 0.38
N SER A 148 -11.63 -11.06 0.99
CA SER A 148 -12.85 -11.26 1.79
C SER A 148 -14.07 -11.50 0.90
N GLU A 149 -14.80 -12.57 1.19
CA GLU A 149 -15.96 -12.89 0.39
C GLU A 149 -16.99 -11.77 0.42
N LYS A 150 -17.13 -11.12 1.57
CA LYS A 150 -18.13 -10.08 1.72
C LYS A 150 -17.74 -8.66 1.36
N HIS A 151 -16.46 -8.32 1.50
CA HIS A 151 -16.08 -6.94 1.27
C HIS A 151 -15.25 -6.61 0.02
N ARG A 152 -15.02 -7.61 -0.80
CA ARG A 152 -14.25 -7.39 -2.01
C ARG A 152 -14.96 -6.52 -3.03
N ILE A 153 -14.15 -5.85 -3.85
CA ILE A 153 -14.64 -5.01 -4.94
C ILE A 153 -14.21 -5.69 -6.24
N GLY A 154 -15.17 -5.90 -7.14
CA GLY A 154 -14.89 -6.53 -8.42
C GLY A 154 -14.35 -5.43 -9.31
N VAL A 155 -13.11 -5.60 -9.75
CA VAL A 155 -12.45 -4.60 -10.59
C VAL A 155 -12.35 -5.06 -12.04
N ARG A 156 -12.76 -4.20 -12.96
CA ARG A 156 -12.62 -4.53 -14.37
C ARG A 156 -11.69 -3.46 -14.94
N MET A 157 -10.58 -3.87 -15.56
CA MET A 157 -9.69 -2.88 -16.15
C MET A 157 -9.74 -3.03 -17.66
N VAL A 158 -9.82 -1.90 -18.36
CA VAL A 158 -9.87 -1.86 -19.82
C VAL A 158 -8.65 -1.10 -20.30
N THR A 159 -7.90 -1.70 -21.22
CA THR A 159 -6.70 -1.05 -21.73
C THR A 159 -6.44 -1.45 -23.18
N GLU A 160 -5.59 -0.69 -23.87
CA GLU A 160 -5.22 -1.04 -25.23
C GLU A 160 -3.80 -1.61 -25.22
N VAL A 161 -3.24 -1.79 -24.02
CA VAL A 161 -1.87 -2.31 -23.88
C VAL A 161 -1.87 -3.61 -23.07
N ALA A 162 -1.40 -4.68 -23.70
CA ALA A 162 -1.37 -5.98 -23.05
C ALA A 162 -0.65 -5.98 -21.72
N TRP A 163 0.50 -5.33 -21.62
CA TRP A 163 1.20 -5.43 -20.33
C TRP A 163 0.45 -4.75 -19.19
N GLN A 164 -0.37 -3.76 -19.50
CA GLN A 164 -1.15 -3.13 -18.42
C GLN A 164 -2.18 -4.14 -17.91
N ALA A 165 -2.72 -4.95 -18.82
CA ALA A 165 -3.68 -5.97 -18.41
C ALA A 165 -2.94 -7.01 -17.55
N HIS A 166 -1.70 -7.32 -17.94
CA HIS A 166 -0.86 -8.25 -17.19
C HIS A 166 -0.64 -7.72 -15.76
N PHE A 167 -0.40 -6.42 -15.65
CA PHE A 167 -0.16 -5.84 -14.31
C PHE A 167 -1.36 -6.12 -13.40
N VAL A 168 -2.55 -5.90 -13.94
CA VAL A 168 -3.78 -6.13 -13.17
C VAL A 168 -4.01 -7.61 -12.87
N LYS A 169 -3.67 -8.49 -13.83
CA LYS A 169 -3.82 -9.91 -13.57
C LYS A 169 -2.90 -10.31 -12.41
N ASN A 170 -1.74 -9.67 -12.32
CA ASN A 170 -0.80 -9.99 -11.25
C ASN A 170 -1.22 -9.43 -9.89
N MET A 171 -1.61 -8.17 -9.89
CA MET A 171 -1.87 -7.46 -8.64
C MET A 171 -3.20 -7.62 -7.96
N PHE A 172 -4.21 -8.07 -8.70
CA PHE A 172 -5.51 -8.31 -8.09
C PHE A 172 -5.76 -9.80 -8.05
N ILE A 173 -6.76 -10.20 -7.26
CA ILE A 173 -7.07 -11.61 -7.09
C ILE A 173 -7.73 -12.16 -8.34
N ARG A 174 -7.16 -13.25 -8.85
CA ARG A 174 -7.59 -13.89 -10.10
C ARG A 174 -8.78 -14.80 -9.84
N PRO A 175 -9.96 -14.42 -10.35
CA PRO A 175 -11.17 -15.22 -10.12
C PRO A 175 -11.15 -16.59 -10.80
N THR A 176 -11.85 -17.56 -10.20
CA THR A 176 -11.92 -18.90 -10.78
C THR A 176 -12.88 -18.80 -11.98
N ASP A 177 -12.92 -19.84 -12.81
CA ASP A 177 -13.82 -19.78 -13.95
C ASP A 177 -15.25 -19.66 -13.44
N GLU A 178 -15.57 -20.35 -12.35
CA GLU A 178 -16.90 -20.27 -11.80
C GLU A 178 -17.21 -18.83 -11.39
N GLU A 179 -16.28 -18.20 -10.66
CA GLU A 179 -16.47 -16.83 -10.23
C GLU A 179 -16.63 -15.86 -11.40
N LEU A 180 -15.94 -16.10 -12.51
CA LEU A 180 -16.04 -15.22 -13.67
C LEU A 180 -17.42 -15.26 -14.31
N LYS A 181 -18.07 -16.42 -14.21
CA LYS A 181 -19.40 -16.56 -14.78
C LYS A 181 -20.36 -15.59 -14.11
N ASN A 182 -20.14 -15.34 -12.82
CA ASN A 182 -20.99 -14.42 -12.05
C ASN A 182 -20.31 -13.12 -11.68
N PHE A 183 -19.21 -12.80 -12.35
CA PHE A 183 -18.49 -11.58 -12.03
C PHE A 183 -19.24 -10.26 -12.23
N LYS A 184 -19.20 -9.41 -11.20
CA LYS A 184 -19.84 -8.11 -11.25
C LYS A 184 -18.77 -7.03 -11.13
N ALA A 185 -18.70 -6.13 -12.10
CA ALA A 185 -17.72 -5.06 -12.08
C ALA A 185 -18.20 -3.88 -11.23
N ASP A 186 -17.79 -3.87 -9.96
CA ASP A 186 -18.16 -2.80 -9.02
C ASP A 186 -17.37 -1.52 -9.32
N PHE A 187 -16.19 -1.69 -9.88
CA PHE A 187 -15.33 -0.55 -10.21
C PHE A 187 -14.65 -0.84 -11.54
N THR A 188 -14.61 0.16 -12.42
CA THR A 188 -13.95 0.00 -13.73
C THR A 188 -12.80 1.00 -13.85
N VAL A 189 -11.64 0.51 -14.27
CA VAL A 189 -10.46 1.36 -14.47
C VAL A 189 -10.30 1.47 -15.98
N LEU A 190 -10.36 2.69 -16.51
CA LEU A 190 -10.17 2.89 -17.95
C LEU A 190 -8.78 3.46 -18.07
N ASN A 191 -7.86 2.64 -18.57
CA ASN A 191 -6.51 3.08 -18.70
C ASN A 191 -6.24 3.71 -20.06
N GLY A 192 -6.14 5.05 -20.05
CA GLY A 192 -5.85 5.81 -21.25
C GLY A 192 -4.47 6.47 -21.20
N ALA A 193 -3.45 5.73 -20.77
CA ALA A 193 -2.10 6.29 -20.66
C ALA A 193 -1.62 7.07 -21.88
N LYS A 194 -1.98 6.61 -23.07
CA LYS A 194 -1.55 7.29 -24.30
C LYS A 194 -2.21 8.64 -24.53
N CYS A 195 -3.26 8.90 -23.76
CA CYS A 195 -4.03 10.12 -23.90
C CYS A 195 -3.66 11.21 -22.90
N THR A 196 -3.53 12.45 -23.39
CA THR A 196 -3.27 13.58 -22.50
C THR A 196 -4.35 14.62 -22.77
N ASN A 197 -4.55 15.52 -21.81
CA ASN A 197 -5.61 16.53 -21.87
C ASN A 197 -5.11 17.97 -22.05
N PRO A 198 -5.17 18.52 -23.28
CA PRO A 198 -4.69 19.90 -23.49
C PRO A 198 -5.59 21.01 -22.90
N ASN A 199 -6.74 20.65 -22.34
CA ASN A 199 -7.64 21.65 -21.76
C ASN A 199 -7.37 21.86 -20.28
N TRP A 200 -6.36 21.17 -19.75
CA TRP A 200 -6.07 21.23 -18.32
C TRP A 200 -5.97 22.60 -17.64
N LYS A 201 -5.32 23.55 -18.28
CA LYS A 201 -5.18 24.88 -17.69
C LYS A 201 -6.52 25.52 -17.46
N GLU A 202 -7.36 25.52 -18.49
CA GLU A 202 -8.68 26.11 -18.43
C GLU A 202 -9.56 25.39 -17.41
N GLN A 203 -9.29 24.10 -17.20
CA GLN A 203 -10.07 23.32 -16.24
C GLN A 203 -9.51 23.43 -14.82
N GLY A 204 -8.39 24.14 -14.68
CA GLY A 204 -7.81 24.33 -13.37
C GLY A 204 -7.14 23.11 -12.77
N LEU A 205 -6.64 22.24 -13.64
CA LEU A 205 -5.96 21.04 -13.19
C LEU A 205 -4.46 21.28 -13.07
N ASN A 206 -3.73 20.27 -12.61
CA ASN A 206 -2.30 20.39 -12.40
C ASN A 206 -1.43 20.27 -13.66
N SER A 207 -1.83 19.38 -14.57
CA SER A 207 -1.05 19.19 -15.79
C SER A 207 -1.97 18.50 -16.81
N GLU A 208 -1.39 18.12 -17.96
CA GLU A 208 -2.16 17.46 -19.01
C GLU A 208 -2.46 16.01 -18.66
N ASN A 209 -1.92 15.54 -17.54
CA ASN A 209 -2.14 14.18 -17.10
C ASN A 209 -3.22 14.15 -16.03
N PHE A 210 -3.74 12.96 -15.74
CA PHE A 210 -4.78 12.84 -14.73
C PHE A 210 -5.02 11.42 -14.24
N VAL A 211 -5.34 11.31 -12.95
CA VAL A 211 -5.66 10.03 -12.33
C VAL A 211 -6.88 10.47 -11.53
N ALA A 212 -8.06 10.19 -12.08
CA ALA A 212 -9.31 10.67 -11.52
C ALA A 212 -10.26 9.58 -11.13
N PHE A 213 -10.98 9.82 -10.03
CA PHE A 213 -11.93 8.85 -9.52
C PHE A 213 -13.31 9.43 -9.34
N ASN A 214 -14.31 8.70 -9.83
CA ASN A 214 -15.68 9.13 -9.61
C ASN A 214 -16.24 7.96 -8.81
N ILE A 215 -16.46 8.24 -7.52
CA ILE A 215 -16.93 7.25 -6.56
C ILE A 215 -18.37 6.82 -6.82
N THR A 216 -19.18 7.76 -7.30
CA THR A 216 -20.58 7.46 -7.60
C THR A 216 -20.72 6.51 -8.79
N GLU A 217 -19.97 6.78 -9.86
CA GLU A 217 -20.04 5.94 -11.06
C GLU A 217 -19.14 4.70 -10.94
N GLY A 218 -18.20 4.73 -10.00
CA GLY A 218 -17.30 3.60 -9.82
C GLY A 218 -16.31 3.48 -10.96
N ILE A 219 -15.64 4.58 -11.28
CA ILE A 219 -14.69 4.60 -12.38
C ILE A 219 -13.41 5.34 -12.03
N GLN A 220 -12.28 4.79 -12.47
CA GLN A 220 -11.01 5.46 -12.29
C GLN A 220 -10.52 5.71 -13.72
N LEU A 221 -10.09 6.94 -14.01
CA LEU A 221 -9.53 7.25 -15.34
C LEU A 221 -8.04 7.49 -15.14
N ILE A 222 -7.24 6.96 -16.06
CA ILE A 222 -5.81 7.19 -16.01
C ILE A 222 -5.42 7.80 -17.36
N GLY A 223 -4.85 9.00 -17.32
CA GLY A 223 -4.42 9.63 -18.56
C GLY A 223 -3.00 10.16 -18.47
N GLY A 224 -2.18 9.85 -19.47
CA GLY A 224 -0.82 10.40 -19.50
C GLY A 224 0.29 9.70 -18.75
N THR A 225 -0.04 8.95 -17.70
CA THR A 225 0.99 8.24 -16.97
C THR A 225 0.88 6.74 -17.18
N TRP A 226 2.03 6.12 -17.41
CA TRP A 226 2.10 4.68 -17.61
C TRP A 226 2.60 3.93 -16.38
N TYR A 227 2.79 4.64 -15.27
CA TYR A 227 3.29 3.98 -14.08
C TYR A 227 2.30 2.91 -13.58
N GLY A 228 2.77 1.68 -13.42
CA GLY A 228 1.89 0.59 -12.98
C GLY A 228 1.16 0.85 -11.67
N GLY A 229 1.87 1.45 -10.73
CA GLY A 229 1.32 1.73 -9.42
C GLY A 229 -0.01 2.50 -9.38
N GLU A 230 -0.28 3.32 -10.40
CA GLU A 230 -1.53 4.05 -10.39
C GLU A 230 -2.74 3.12 -10.39
N MET A 231 -2.58 1.95 -10.99
CA MET A 231 -3.67 1.00 -11.02
C MET A 231 -3.82 0.32 -9.64
N LYS A 232 -2.71 -0.09 -9.07
CA LYS A 232 -2.77 -0.72 -7.76
C LYS A 232 -3.27 0.25 -6.67
N LYS A 233 -2.68 1.44 -6.59
CA LYS A 233 -3.04 2.37 -5.53
C LYS A 233 -4.37 3.07 -5.74
N GLY A 234 -4.84 3.08 -6.98
CA GLY A 234 -6.13 3.68 -7.24
C GLY A 234 -7.17 2.85 -6.50
N MET A 235 -7.13 1.53 -6.69
CA MET A 235 -8.11 0.69 -6.03
C MET A 235 -7.87 0.69 -4.52
N PHE A 236 -6.62 0.78 -4.09
CA PHE A 236 -6.34 0.83 -2.64
C PHE A 236 -7.04 2.07 -2.05
N SER A 237 -6.91 3.21 -2.74
CA SER A 237 -7.57 4.44 -2.30
C SER A 237 -9.09 4.24 -2.26
N MET A 238 -9.63 3.43 -3.17
CA MET A 238 -11.07 3.21 -3.17
C MET A 238 -11.47 2.26 -2.04
N MET A 239 -10.68 1.23 -1.78
CA MET A 239 -10.97 0.34 -0.65
C MET A 239 -10.91 1.20 0.62
N ASN A 240 -9.94 2.13 0.66
CA ASN A 240 -9.79 3.03 1.81
C ASN A 240 -10.98 3.97 2.01
N TYR A 241 -11.84 4.06 0.99
CA TYR A 241 -13.05 4.88 1.11
C TYR A 241 -14.22 4.00 1.56
N PHE A 242 -14.50 2.93 0.81
CA PHE A 242 -15.64 2.09 1.11
C PHE A 242 -15.60 1.25 2.37
N LEU A 243 -14.46 0.64 2.67
CA LEU A 243 -14.39 -0.22 3.83
C LEU A 243 -14.62 0.38 5.20
N PRO A 244 -13.87 1.46 5.56
CA PRO A 244 -14.10 2.03 6.89
C PRO A 244 -15.51 2.54 7.12
N LEU A 245 -16.18 2.98 6.05
CA LEU A 245 -17.53 3.47 6.20
C LEU A 245 -18.51 2.35 6.59
N LYS A 246 -18.07 1.10 6.39
CA LYS A 246 -18.89 -0.08 6.73
C LYS A 246 -18.31 -0.76 7.97
N GLY A 247 -17.40 -0.08 8.66
CA GLY A 247 -16.78 -0.64 9.85
C GLY A 247 -15.72 -1.70 9.61
N VAL A 248 -15.14 -1.73 8.41
CA VAL A 248 -14.10 -2.71 8.06
C VAL A 248 -12.78 -1.94 7.98
N ALA A 249 -11.75 -2.39 8.69
CA ALA A 249 -10.48 -1.69 8.64
C ALA A 249 -9.84 -1.86 7.27
N SER A 250 -9.17 -0.81 6.82
CA SER A 250 -8.46 -0.82 5.54
C SER A 250 -7.09 -0.30 5.95
N MET A 251 -6.06 -1.10 5.66
CA MET A 251 -4.73 -0.83 6.17
C MET A 251 -3.56 -0.99 5.21
N HIS A 252 -2.56 -0.14 5.38
CA HIS A 252 -1.32 -0.21 4.59
C HIS A 252 -0.35 -0.95 5.52
N CYS A 253 -0.34 -2.27 5.41
CA CYS A 253 0.47 -3.11 6.29
C CYS A 253 0.74 -4.48 5.68
N SER A 254 1.63 -5.22 6.33
CA SER A 254 1.88 -6.59 5.94
C SER A 254 1.15 -7.42 7.04
N ALA A 255 0.98 -8.71 6.80
CA ALA A 255 0.28 -9.56 7.77
C ALA A 255 0.73 -10.98 7.60
N ASN A 256 0.90 -11.69 8.72
CA ASN A 256 1.27 -13.10 8.63
C ASN A 256 0.56 -13.87 9.73
N VAL A 257 0.62 -15.20 9.65
CA VAL A 257 -0.10 -16.05 10.60
C VAL A 257 0.76 -17.22 11.04
N GLY A 258 0.68 -17.55 12.34
CA GLY A 258 1.47 -18.64 12.88
C GLY A 258 0.78 -19.99 12.76
N LYS A 259 1.52 -21.04 13.14
CA LYS A 259 0.97 -22.40 13.05
C LYS A 259 -0.34 -22.54 13.82
N ASP A 260 -0.50 -21.82 14.93
CA ASP A 260 -1.73 -21.93 15.69
C ASP A 260 -2.83 -20.96 15.27
N GLY A 261 -2.66 -20.33 14.11
CA GLY A 261 -3.68 -19.42 13.62
C GLY A 261 -3.61 -17.99 14.11
N ASP A 262 -2.60 -17.69 14.93
CA ASP A 262 -2.39 -16.36 15.48
C ASP A 262 -1.94 -15.39 14.39
N VAL A 263 -2.70 -14.32 14.19
CA VAL A 263 -2.42 -13.33 13.16
C VAL A 263 -1.78 -12.04 13.69
N ALA A 264 -0.75 -11.56 12.99
CA ALA A 264 -0.12 -10.30 13.39
C ALA A 264 -0.08 -9.39 12.17
N ILE A 265 -0.19 -8.09 12.39
CA ILE A 265 -0.10 -7.14 11.30
C ILE A 265 1.01 -6.14 11.63
N PHE A 266 1.78 -5.79 10.60
CA PHE A 266 2.93 -4.91 10.74
C PHE A 266 2.81 -3.66 9.89
N PHE A 267 3.01 -2.50 10.53
CA PHE A 267 2.98 -1.21 9.85
C PHE A 267 4.38 -0.61 9.93
N GLY A 268 4.83 0.05 8.86
CA GLY A 268 6.15 0.63 8.93
C GLY A 268 6.60 1.15 7.57
N LEU A 269 7.13 2.37 7.58
CA LEU A 269 7.60 3.04 6.37
C LEU A 269 8.94 2.44 5.95
N SER A 270 9.45 2.85 4.79
CA SER A 270 10.73 2.33 4.31
C SER A 270 11.86 2.52 5.32
N GLY A 271 12.70 1.51 5.46
CA GLY A 271 13.82 1.58 6.37
C GLY A 271 13.53 1.20 7.82
N THR A 272 12.28 0.81 8.11
CA THR A 272 11.94 0.43 9.47
C THR A 272 12.13 -1.06 9.72
N GLY A 273 12.40 -1.81 8.65
CA GLY A 273 12.63 -3.24 8.77
C GLY A 273 11.36 -4.07 8.74
N LYS A 274 10.30 -3.48 8.18
CA LYS A 274 9.01 -4.16 8.08
C LYS A 274 9.11 -5.48 7.32
N THR A 275 9.72 -5.43 6.14
CA THR A 275 9.85 -6.62 5.31
C THR A 275 10.57 -7.75 6.00
N THR A 276 11.71 -7.44 6.62
CA THR A 276 12.49 -8.48 7.29
C THR A 276 11.79 -9.05 8.51
N LEU A 277 11.22 -8.19 9.35
CA LEU A 277 10.53 -8.65 10.56
C LEU A 277 9.21 -9.37 10.27
N SER A 278 8.66 -9.13 9.08
CA SER A 278 7.42 -9.78 8.63
C SER A 278 7.73 -11.14 8.01
N THR A 279 9.01 -11.38 7.77
CA THR A 279 9.45 -12.65 7.19
C THR A 279 9.87 -13.62 8.28
N ASP A 280 9.22 -14.79 8.31
CA ASP A 280 9.50 -15.80 9.34
C ASP A 280 9.13 -17.17 8.75
N PRO A 281 10.08 -18.10 8.66
CA PRO A 281 9.81 -19.44 8.11
C PRO A 281 8.73 -20.20 8.88
N LYS A 282 8.52 -19.82 10.14
CA LYS A 282 7.54 -20.48 10.99
C LYS A 282 6.13 -19.87 10.83
N ARG A 283 6.03 -18.81 10.05
CA ARG A 283 4.73 -18.14 9.87
C ARG A 283 4.46 -17.92 8.38
N GLN A 284 3.21 -18.13 7.97
CA GLN A 284 2.86 -17.94 6.56
C GLN A 284 2.45 -16.50 6.27
N LEU A 285 2.83 -16.02 5.09
CA LEU A 285 2.50 -14.64 4.72
C LEU A 285 1.09 -14.53 4.16
N ILE A 286 0.32 -13.63 4.74
CA ILE A 286 -1.04 -13.37 4.23
C ILE A 286 -0.86 -12.36 3.09
N GLY A 287 -0.07 -11.32 3.34
CA GLY A 287 0.16 -10.29 2.34
C GLY A 287 1.23 -9.34 2.80
N ASP A 288 1.76 -8.53 1.89
CA ASP A 288 2.84 -7.62 2.28
C ASP A 288 2.51 -6.14 2.28
N ASP A 289 1.37 -5.74 1.72
CA ASP A 289 1.12 -4.31 1.59
C ASP A 289 -0.25 -3.71 1.88
N GLU A 290 -1.32 -4.42 1.51
CA GLU A 290 -2.66 -3.87 1.66
C GLU A 290 -3.62 -4.90 2.23
N HIS A 291 -4.23 -4.59 3.38
CA HIS A 291 -5.14 -5.55 4.00
C HIS A 291 -6.40 -4.94 4.59
N GLY A 292 -7.42 -5.78 4.72
CA GLY A 292 -8.64 -5.34 5.36
C GLY A 292 -8.85 -6.19 6.59
N TRP A 293 -9.76 -5.79 7.47
CA TRP A 293 -10.02 -6.57 8.69
C TRP A 293 -11.51 -6.42 8.93
N ASP A 294 -12.25 -7.49 8.67
CA ASP A 294 -13.70 -7.47 8.83
C ASP A 294 -14.13 -8.41 9.94
N GLU A 295 -15.41 -8.78 9.93
CA GLU A 295 -15.97 -9.63 10.97
C GLU A 295 -15.38 -11.03 11.01
N SER A 296 -14.72 -11.44 9.93
CA SER A 296 -14.14 -12.77 9.84
C SER A 296 -12.64 -12.82 10.08
N GLY A 297 -11.96 -11.73 9.77
CA GLY A 297 -10.52 -11.73 10.00
C GLY A 297 -9.76 -10.80 9.08
N VAL A 298 -8.46 -11.03 8.96
CA VAL A 298 -7.58 -10.18 8.16
C VAL A 298 -7.41 -10.75 6.77
N PHE A 299 -7.62 -9.91 5.74
CA PHE A 299 -7.50 -10.39 4.36
C PHE A 299 -6.68 -9.47 3.47
N ASN A 300 -5.86 -10.07 2.59
CA ASN A 300 -5.04 -9.32 1.63
C ASN A 300 -5.99 -8.73 0.60
N PHE A 301 -5.69 -7.54 0.09
CA PHE A 301 -6.52 -6.94 -0.96
C PHE A 301 -5.99 -7.43 -2.30
N GLU A 302 -4.74 -7.84 -2.30
CA GLU A 302 -4.05 -8.16 -3.56
C GLU A 302 -3.80 -9.61 -3.93
N GLY A 303 -3.49 -9.82 -5.22
CA GLY A 303 -3.20 -11.16 -5.69
C GLY A 303 -1.74 -11.30 -6.10
N GLY A 304 -0.95 -10.29 -5.78
CA GLY A 304 0.45 -10.28 -6.18
C GLY A 304 1.28 -9.26 -5.42
N CYS A 305 2.55 -9.15 -5.81
CA CYS A 305 3.51 -8.26 -5.15
C CYS A 305 4.12 -7.31 -6.17
N TYR A 306 4.30 -6.04 -5.78
CA TYR A 306 4.90 -5.02 -6.66
C TYR A 306 6.10 -4.54 -5.88
N ALA A 307 7.23 -5.18 -6.12
CA ALA A 307 8.47 -4.92 -5.37
C ALA A 307 9.52 -4.05 -6.02
N LYS A 308 10.24 -3.29 -5.20
CA LYS A 308 11.32 -2.45 -5.70
C LYS A 308 12.49 -3.37 -6.04
N THR A 309 13.18 -3.11 -7.15
CA THR A 309 14.28 -3.97 -7.55
C THR A 309 15.64 -3.28 -7.65
N ILE A 310 15.70 -1.99 -7.35
CA ILE A 310 17.00 -1.31 -7.48
C ILE A 310 18.02 -2.00 -6.58
N ASN A 311 19.19 -2.29 -7.14
CA ASN A 311 20.25 -2.98 -6.40
C ASN A 311 19.85 -4.37 -5.91
N LEU A 312 18.82 -4.95 -6.52
CA LEU A 312 18.36 -6.29 -6.12
C LEU A 312 19.47 -7.32 -6.26
N SER A 313 19.62 -8.15 -5.23
CA SER A 313 20.62 -9.20 -5.20
C SER A 313 19.98 -10.55 -4.91
N GLN A 314 20.41 -11.59 -5.64
CA GLN A 314 19.87 -12.92 -5.40
C GLN A 314 20.27 -13.34 -3.99
N GLU A 315 21.47 -12.91 -3.59
CA GLU A 315 21.99 -13.24 -2.25
C GLU A 315 21.29 -12.41 -1.18
N ASN A 316 21.06 -11.13 -1.47
CA ASN A 316 20.41 -10.23 -0.52
C ASN A 316 18.89 -10.40 -0.50
N GLU A 317 18.31 -10.71 -1.67
CA GLU A 317 16.85 -10.89 -1.79
C GLU A 317 16.52 -12.17 -2.57
N PRO A 318 16.80 -13.33 -1.98
CA PRO A 318 16.53 -14.61 -2.63
C PRO A 318 15.07 -14.84 -3.04
N ASP A 319 14.14 -14.55 -2.14
CA ASP A 319 12.71 -14.74 -2.41
C ASP A 319 12.18 -13.89 -3.57
N ILE A 320 12.48 -12.59 -3.55
CA ILE A 320 12.03 -11.70 -4.63
C ILE A 320 12.71 -12.12 -5.94
N TYR A 321 14.02 -12.36 -5.86
CA TYR A 321 14.76 -12.77 -7.05
C TYR A 321 14.17 -14.03 -7.67
N GLY A 322 13.89 -15.05 -6.86
CA GLY A 322 13.34 -16.31 -7.38
C GLY A 322 11.96 -16.21 -8.01
N ALA A 323 11.25 -15.15 -7.65
CA ALA A 323 9.92 -14.90 -8.17
C ALA A 323 10.03 -14.24 -9.54
N ILE A 324 11.22 -13.76 -9.89
CA ILE A 324 11.34 -13.09 -11.18
C ILE A 324 11.62 -14.13 -12.23
N ARG A 325 10.52 -14.62 -12.82
CA ARG A 325 10.57 -15.65 -13.86
C ARG A 325 9.34 -15.41 -14.73
N ARG A 326 9.06 -16.26 -15.70
CA ARG A 326 7.90 -15.98 -16.57
C ARG A 326 6.66 -15.67 -15.74
N ASP A 327 5.97 -14.60 -16.14
CA ASP A 327 4.74 -14.07 -15.52
C ASP A 327 5.01 -12.92 -14.58
N ALA A 328 6.27 -12.75 -14.19
CA ALA A 328 6.65 -11.57 -13.42
C ALA A 328 6.74 -10.50 -14.54
N LEU A 329 6.57 -9.24 -14.18
CA LEU A 329 6.64 -8.16 -15.17
C LEU A 329 7.61 -7.11 -14.63
N LEU A 330 8.78 -6.99 -15.27
CA LEU A 330 9.80 -6.02 -14.85
C LEU A 330 9.44 -4.64 -15.39
N GLU A 331 9.64 -3.61 -14.57
CA GLU A 331 9.27 -2.27 -14.95
C GLU A 331 10.41 -1.27 -14.76
N ASN A 332 10.82 -0.67 -15.88
CA ASN A 332 11.88 0.33 -15.94
C ASN A 332 13.31 -0.12 -15.61
N VAL A 333 13.55 -1.42 -15.64
CA VAL A 333 14.90 -1.92 -15.39
C VAL A 333 15.68 -1.78 -16.69
N VAL A 334 17.01 -1.76 -16.57
CA VAL A 334 17.87 -1.67 -17.75
C VAL A 334 18.11 -3.11 -18.23
N VAL A 335 17.86 -3.34 -19.52
CA VAL A 335 18.04 -4.67 -20.10
C VAL A 335 19.12 -4.51 -21.16
N ARG A 336 20.22 -5.25 -21.03
CA ARG A 336 21.35 -5.17 -21.96
C ARG A 336 21.02 -5.85 -23.29
N ALA A 337 21.91 -5.70 -24.27
CA ALA A 337 21.69 -6.25 -25.59
C ALA A 337 21.48 -7.76 -25.64
N ASP A 338 21.99 -8.48 -24.64
CA ASP A 338 21.83 -9.94 -24.58
C ASP A 338 20.59 -10.37 -23.79
N GLY A 339 19.82 -9.40 -23.32
CA GLY A 339 18.63 -9.70 -22.54
C GLY A 339 18.89 -9.77 -21.03
N SER A 340 20.14 -9.64 -20.61
CA SER A 340 20.43 -9.71 -19.17
C SER A 340 19.95 -8.42 -18.51
N VAL A 341 19.61 -8.49 -17.23
CA VAL A 341 19.11 -7.30 -16.53
C VAL A 341 20.14 -6.77 -15.56
N ASP A 342 20.39 -5.46 -15.63
CA ASP A 342 21.34 -4.84 -14.71
C ASP A 342 20.48 -4.20 -13.61
N PHE A 343 20.25 -4.96 -12.55
CA PHE A 343 19.41 -4.46 -11.46
C PHE A 343 19.99 -3.26 -10.72
N ASP A 344 21.29 -3.00 -10.87
CA ASP A 344 21.90 -1.86 -10.16
C ASP A 344 21.79 -0.57 -10.94
N ASP A 345 21.34 -0.65 -12.19
CA ASP A 345 21.29 0.53 -13.02
C ASP A 345 20.02 1.34 -12.84
N GLY A 346 20.14 2.50 -12.18
CA GLY A 346 18.99 3.36 -11.94
C GLY A 346 18.85 4.49 -12.94
N SER A 347 19.45 4.33 -14.13
CA SER A 347 19.39 5.38 -15.15
C SER A 347 17.98 5.79 -15.56
N LYS A 348 17.06 4.83 -15.64
CA LYS A 348 15.70 5.18 -16.02
C LYS A 348 14.98 5.77 -14.81
N THR A 349 15.24 5.17 -13.66
CA THR A 349 14.64 5.61 -12.40
C THR A 349 15.24 4.78 -11.28
N GLU A 350 15.23 5.33 -10.08
CA GLU A 350 15.70 4.60 -8.92
C GLU A 350 14.57 3.66 -8.49
N ASN A 351 13.35 3.99 -8.90
CA ASN A 351 12.15 3.23 -8.55
C ASN A 351 11.84 2.09 -9.50
N THR A 352 12.83 1.29 -9.84
CA THR A 352 12.58 0.16 -10.71
C THR A 352 11.70 -0.82 -9.92
N ARG A 353 10.86 -1.56 -10.62
CA ARG A 353 9.93 -2.49 -9.97
C ARG A 353 9.75 -3.79 -10.71
N VAL A 354 9.11 -4.73 -10.03
CA VAL A 354 8.70 -5.97 -10.67
C VAL A 354 7.40 -6.36 -10.00
N SER A 355 6.44 -6.83 -10.79
CA SER A 355 5.19 -7.32 -10.19
C SER A 355 5.14 -8.81 -10.52
N TYR A 356 4.50 -9.60 -9.66
CA TYR A 356 4.36 -11.02 -9.90
C TYR A 356 3.21 -11.55 -9.08
N PRO A 357 2.55 -12.63 -9.54
CA PRO A 357 1.43 -13.20 -8.78
C PRO A 357 2.00 -13.70 -7.45
N ILE A 358 1.20 -13.63 -6.40
CA ILE A 358 1.71 -13.98 -5.09
C ILE A 358 2.25 -15.40 -4.92
N TYR A 359 1.76 -16.34 -5.73
CA TYR A 359 2.24 -17.71 -5.58
C TYR A 359 3.66 -17.91 -6.09
N HIS A 360 4.29 -16.86 -6.60
CA HIS A 360 5.69 -17.00 -6.98
C HIS A 360 6.55 -17.02 -5.72
N ILE A 361 5.93 -16.77 -4.57
CA ILE A 361 6.59 -16.77 -3.25
C ILE A 361 6.17 -18.05 -2.54
N ASP A 362 7.08 -18.76 -1.88
CA ASP A 362 6.66 -20.04 -1.27
C ASP A 362 5.81 -20.09 0.00
N ASN A 363 6.33 -19.50 1.06
CA ASN A 363 5.71 -19.54 2.37
C ASN A 363 4.53 -18.56 2.51
N ILE A 364 3.47 -18.78 1.74
CA ILE A 364 2.30 -17.90 1.78
C ILE A 364 1.04 -18.68 2.12
N VAL A 365 0.01 -17.97 2.59
CA VAL A 365 -1.27 -18.60 2.89
C VAL A 365 -1.91 -18.93 1.54
N ARG A 366 -2.45 -20.13 1.41
CA ARG A 366 -3.10 -20.56 0.15
C ARG A 366 -4.42 -21.27 0.52
N PRO A 367 -5.38 -21.33 -0.42
CA PRO A 367 -5.37 -20.83 -1.80
C PRO A 367 -5.97 -19.43 -1.91
N VAL A 368 -6.36 -18.87 -0.77
CA VAL A 368 -6.93 -17.53 -0.69
C VAL A 368 -6.13 -16.85 0.40
N SER A 369 -5.73 -15.60 0.15
CA SER A 369 -4.88 -14.87 1.09
C SER A 369 -5.63 -14.18 2.25
N LYS A 370 -5.97 -14.95 3.28
CA LYS A 370 -6.66 -14.40 4.43
C LYS A 370 -6.53 -15.35 5.60
N ALA A 371 -6.86 -14.86 6.77
CA ALA A 371 -6.82 -15.70 7.96
C ALA A 371 -7.74 -15.09 9.01
N GLY A 372 -7.60 -15.53 10.25
CA GLY A 372 -8.46 -15.00 11.29
C GLY A 372 -8.13 -13.60 11.80
N HIS A 373 -8.65 -13.29 12.98
CA HIS A 373 -8.44 -11.98 13.57
C HIS A 373 -7.03 -11.73 14.09
N ALA A 374 -6.54 -10.50 13.92
CA ALA A 374 -5.21 -10.16 14.40
C ALA A 374 -5.25 -10.01 15.91
N THR A 375 -4.23 -10.50 16.59
CA THR A 375 -4.15 -10.32 18.04
C THR A 375 -2.93 -9.49 18.39
N LYS A 376 -2.07 -9.23 17.41
CA LYS A 376 -0.87 -8.42 17.64
C LYS A 376 -0.78 -7.40 16.52
N VAL A 377 -0.64 -6.12 16.89
CA VAL A 377 -0.53 -5.02 15.93
C VAL A 377 0.79 -4.34 16.24
N ILE A 378 1.69 -4.30 15.27
CA ILE A 378 3.01 -3.76 15.46
C ILE A 378 3.28 -2.54 14.60
N PHE A 379 3.61 -1.42 15.25
CA PHE A 379 3.95 -0.18 14.57
C PHE A 379 5.46 -0.05 14.62
N LEU A 380 6.13 -0.19 13.47
CA LEU A 380 7.58 -0.06 13.43
C LEU A 380 8.01 1.38 13.14
N THR A 381 9.12 1.78 13.75
CA THR A 381 9.64 3.11 13.50
C THR A 381 11.16 3.09 13.65
N ALA A 382 11.86 3.87 12.83
CA ALA A 382 13.31 3.96 12.94
C ALA A 382 13.57 5.35 13.49
N ASP A 383 13.67 5.46 14.80
CA ASP A 383 13.87 6.74 15.45
C ASP A 383 15.32 7.25 15.40
N ALA A 384 15.62 8.13 14.46
CA ALA A 384 16.98 8.68 14.35
C ALA A 384 17.32 9.59 15.53
N PHE A 385 16.32 9.94 16.33
CA PHE A 385 16.56 10.79 17.51
C PHE A 385 17.09 9.97 18.69
N GLY A 386 16.93 8.65 18.61
CA GLY A 386 17.40 7.78 19.68
C GLY A 386 16.69 7.99 21.02
N VAL A 387 15.40 8.31 20.94
CA VAL A 387 14.58 8.60 22.10
C VAL A 387 13.58 7.51 22.48
N LEU A 388 12.91 6.97 21.47
CA LEU A 388 11.89 5.97 21.72
C LEU A 388 12.40 4.60 22.15
N PRO A 389 11.64 3.91 23.04
CA PRO A 389 12.02 2.58 23.53
C PRO A 389 12.02 1.55 22.42
N PRO A 390 12.87 0.53 22.52
CA PRO A 390 12.89 -0.51 21.48
C PRO A 390 11.47 -1.07 21.34
N VAL A 391 10.76 -1.17 22.47
CA VAL A 391 9.38 -1.62 22.45
C VAL A 391 8.51 -1.05 23.58
N SER A 392 7.31 -0.60 23.20
CA SER A 392 6.33 -0.04 24.13
C SER A 392 4.98 -0.67 23.87
N LYS A 393 4.20 -0.93 24.92
CA LYS A 393 2.85 -1.47 24.77
C LYS A 393 1.93 -0.25 24.86
N LEU A 394 1.14 -0.01 23.83
CA LEU A 394 0.28 1.16 23.77
C LEU A 394 -1.12 1.01 24.32
N THR A 395 -1.66 2.13 24.84
CA THR A 395 -3.04 2.13 25.29
C THR A 395 -3.87 2.29 24.02
N PRO A 396 -5.18 2.07 24.09
CA PRO A 396 -6.01 2.23 22.90
C PRO A 396 -5.87 3.64 22.30
N GLU A 397 -5.87 4.66 23.15
CA GLU A 397 -5.76 6.04 22.68
C GLU A 397 -4.38 6.31 22.03
N GLN A 398 -3.33 5.78 22.62
CA GLN A 398 -1.98 5.94 22.07
C GLN A 398 -1.90 5.21 20.72
N THR A 399 -2.58 4.07 20.63
CA THR A 399 -2.58 3.31 19.38
C THR A 399 -3.12 4.26 18.29
N GLU A 400 -4.20 4.97 18.58
CA GLU A 400 -4.74 5.87 17.56
C GLU A 400 -3.79 7.05 17.30
N TYR A 401 -3.19 7.58 18.36
CA TYR A 401 -2.31 8.72 18.22
C TYR A 401 -1.08 8.41 17.38
N TYR A 402 -0.41 7.30 17.69
CA TYR A 402 0.80 6.97 16.94
C TYR A 402 0.51 6.47 15.53
N PHE A 403 -0.70 5.97 15.33
CA PHE A 403 -1.14 5.51 14.01
C PHE A 403 -1.34 6.76 13.15
N LEU A 404 -1.98 7.79 13.70
CA LEU A 404 -2.19 9.04 12.93
C LEU A 404 -0.85 9.71 12.66
N SER A 405 0.09 9.61 13.61
CA SER A 405 1.39 10.24 13.44
C SER A 405 2.25 9.60 12.36
N GLY A 406 2.31 8.26 12.35
CA GLY A 406 3.10 7.55 11.33
C GLY A 406 4.53 8.05 11.23
N PHE A 407 5.16 8.18 12.38
CA PHE A 407 6.52 8.70 12.47
C PHE A 407 7.66 7.73 12.22
N THR A 408 8.66 8.22 11.50
CA THR A 408 9.90 7.49 11.33
C THR A 408 10.97 8.50 10.93
N ALA A 409 12.23 8.20 11.21
CA ALA A 409 13.28 9.15 10.90
C ALA A 409 14.53 8.52 10.32
N PRO A 421 18.90 14.36 12.78
CA PRO A 421 17.71 13.53 12.54
C PRO A 421 16.62 14.29 11.76
N THR A 422 16.11 13.68 10.70
CA THR A 422 15.06 14.29 9.90
C THR A 422 13.82 13.41 9.96
N PRO A 423 12.73 13.92 10.57
CA PRO A 423 11.52 13.11 10.68
C PRO A 423 10.57 13.12 9.50
N THR A 424 9.87 12.01 9.34
CA THR A 424 8.86 11.85 8.30
C THR A 424 7.61 11.46 9.10
N PHE A 425 6.47 12.04 8.78
CA PHE A 425 5.22 11.71 9.44
C PHE A 425 4.23 11.40 8.33
N SER A 426 3.81 10.15 8.21
CA SER A 426 2.86 9.79 7.17
C SER A 426 1.64 9.21 7.87
N ALA A 427 0.56 9.98 7.90
CA ALA A 427 -0.66 9.55 8.57
C ALA A 427 -1.08 8.13 8.21
N CYS A 428 -1.34 7.33 9.25
CA CYS A 428 -1.79 5.95 9.07
C CYS A 428 -0.83 5.10 8.21
N PHE A 429 0.44 5.49 8.22
CA PHE A 429 1.47 4.83 7.42
C PHE A 429 1.14 4.77 5.95
N GLY A 430 0.27 5.67 5.48
CA GLY A 430 -0.11 5.63 4.08
C GLY A 430 -0.91 6.86 3.68
N ALA A 431 -0.37 8.03 3.99
CA ALA A 431 -1.06 9.29 3.73
C ALA A 431 -1.58 9.49 2.31
N ALA A 432 -0.82 9.03 1.33
CA ALA A 432 -1.19 9.20 -0.08
C ALA A 432 -2.46 8.49 -0.55
N PHE A 433 -2.96 7.55 0.25
CA PHE A 433 -4.11 6.76 -0.14
C PHE A 433 -5.32 6.95 0.76
N LEU A 434 -5.27 7.96 1.63
CA LEU A 434 -6.40 8.17 2.57
C LEU A 434 -7.57 8.98 1.99
N SER A 435 -8.62 8.27 1.60
CA SER A 435 -9.79 8.92 1.04
C SER A 435 -10.66 9.52 2.15
N LEU A 436 -10.49 8.99 3.36
CA LEU A 436 -11.24 9.46 4.53
C LEU A 436 -10.25 10.12 5.50
N HIS A 437 -10.76 10.71 6.59
CA HIS A 437 -9.84 11.34 7.55
C HIS A 437 -9.06 10.27 8.31
N PRO A 438 -7.79 10.54 8.63
CA PRO A 438 -7.00 9.57 9.37
C PRO A 438 -7.75 8.96 10.56
N ILE A 439 -8.49 9.78 11.29
CA ILE A 439 -9.19 9.24 12.47
C ILE A 439 -10.18 8.13 12.15
N GLN A 440 -10.75 8.13 10.96
CA GLN A 440 -11.68 7.07 10.63
C GLN A 440 -10.96 5.71 10.50
N TYR A 441 -9.72 5.72 10.01
CA TYR A 441 -8.95 4.47 9.89
C TYR A 441 -8.52 4.03 11.28
N ALA A 442 -8.15 4.99 12.10
CA ALA A 442 -7.73 4.69 13.46
C ALA A 442 -8.87 4.11 14.28
N ASP A 443 -10.05 4.71 14.17
CA ASP A 443 -11.22 4.25 14.94
C ASP A 443 -11.60 2.80 14.59
N VAL A 444 -11.72 2.49 13.30
CA VAL A 444 -12.09 1.15 12.91
C VAL A 444 -11.00 0.13 13.26
N LEU A 445 -9.73 0.52 13.18
CA LEU A 445 -8.66 -0.39 13.56
C LEU A 445 -8.82 -0.74 15.05
N VAL A 446 -8.97 0.27 15.89
CA VAL A 446 -9.09 0.01 17.33
C VAL A 446 -10.37 -0.76 17.68
N GLU A 447 -11.45 -0.52 16.95
CA GLU A 447 -12.69 -1.26 17.21
C GLU A 447 -12.46 -2.75 16.91
N ARG A 448 -11.74 -3.05 15.82
CA ARG A 448 -11.47 -4.46 15.49
C ARG A 448 -10.54 -5.06 16.54
N MET A 449 -9.55 -4.29 16.98
CA MET A 449 -8.62 -4.77 18.00
C MET A 449 -9.37 -5.09 19.30
N LYS A 450 -10.27 -4.18 19.70
CA LYS A 450 -11.01 -4.40 20.93
C LYS A 450 -11.85 -5.66 20.86
N ALA A 451 -12.45 -5.93 19.70
CA ALA A 451 -13.27 -7.14 19.53
C ALA A 451 -12.48 -8.44 19.63
N SER A 452 -11.20 -8.42 19.23
CA SER A 452 -10.38 -9.63 19.27
C SER A 452 -9.39 -9.66 20.42
N GLY A 453 -9.40 -8.64 21.27
CA GLY A 453 -8.45 -8.62 22.37
C GLY A 453 -7.01 -8.39 21.92
N ALA A 454 -6.85 -7.70 20.79
CA ALA A 454 -5.51 -7.44 20.26
C ALA A 454 -4.80 -6.33 21.01
N GLU A 455 -3.48 -6.39 21.03
CA GLU A 455 -2.70 -5.35 21.67
C GLU A 455 -1.80 -4.74 20.59
N ALA A 456 -1.49 -3.45 20.75
CA ALA A 456 -0.61 -2.75 19.81
C ALA A 456 0.70 -2.40 20.50
N TYR A 457 1.79 -2.47 19.73
CA TYR A 457 3.12 -2.17 20.24
C TYR A 457 3.85 -1.24 19.30
N LEU A 458 4.61 -0.32 19.87
CA LEU A 458 5.41 0.61 19.07
C LEU A 458 6.83 0.06 19.22
N VAL A 459 7.43 -0.32 18.09
CA VAL A 459 8.78 -0.89 18.11
C VAL A 459 9.75 0.00 17.36
N ASN A 460 10.81 0.43 18.05
CA ASN A 460 11.84 1.29 17.45
C ASN A 460 13.02 0.42 17.05
N THR A 461 13.17 0.24 15.74
CA THR A 461 14.25 -0.56 15.19
C THR A 461 15.37 0.38 14.79
N GLY A 462 15.22 1.63 15.22
CA GLY A 462 16.20 2.64 14.93
C GLY A 462 17.32 2.75 15.95
N TRP A 463 17.65 3.98 16.31
CA TRP A 463 18.76 4.29 17.22
C TRP A 463 18.47 4.48 18.69
N ASN A 464 19.55 4.49 19.48
CA ASN A 464 19.48 4.75 20.91
C ASN A 464 20.79 5.44 21.33
N GLY A 465 21.05 5.52 22.63
CA GLY A 465 22.24 6.17 23.13
C GLY A 465 23.58 5.72 22.55
N THR A 466 23.61 4.53 21.97
CA THR A 466 24.85 4.03 21.41
C THR A 466 25.27 4.72 20.11
N GLY A 467 24.34 5.45 19.50
CA GLY A 467 24.64 6.13 18.26
C GLY A 467 24.44 5.20 17.08
N LYS A 468 24.07 3.96 17.36
CA LYS A 468 23.83 2.98 16.32
C LYS A 468 22.44 2.38 16.46
N ARG A 469 21.98 1.67 15.42
CA ARG A 469 20.67 1.05 15.46
C ARG A 469 20.68 -0.17 16.37
N ILE A 470 19.51 -0.50 16.90
CA ILE A 470 19.37 -1.66 17.77
C ILE A 470 19.76 -2.88 16.94
N SER A 471 20.31 -3.91 17.58
CA SER A 471 20.74 -5.11 16.86
C SER A 471 19.56 -5.93 16.37
N ILE A 472 19.75 -6.59 15.24
CA ILE A 472 18.74 -7.43 14.65
C ILE A 472 18.40 -8.57 15.62
N LYS A 473 19.35 -8.91 16.49
CA LYS A 473 19.14 -9.95 17.48
C LYS A 473 18.09 -9.45 18.48
N ASP A 474 18.23 -8.19 18.89
CA ASP A 474 17.28 -7.63 19.83
C ASP A 474 15.92 -7.32 19.20
N THR A 475 15.90 -6.87 17.95
CA THR A 475 14.61 -6.57 17.34
C THR A 475 13.83 -7.86 17.09
N ARG A 476 14.53 -8.91 16.66
CA ARG A 476 13.87 -10.19 16.43
C ARG A 476 13.37 -10.75 17.76
N GLY A 477 14.17 -10.57 18.80
CA GLY A 477 13.78 -11.06 20.11
C GLY A 477 12.52 -10.30 20.55
N ILE A 478 12.47 -9.01 20.22
CA ILE A 478 11.32 -8.18 20.59
C ILE A 478 10.10 -8.65 19.82
N ILE A 479 10.24 -8.86 18.51
CA ILE A 479 9.10 -9.35 17.72
C ILE A 479 8.69 -10.73 18.23
N ASP A 480 9.66 -11.59 18.58
CA ASP A 480 9.32 -12.92 19.10
C ASP A 480 8.50 -12.81 20.39
N ALA A 481 8.89 -11.88 21.27
CA ALA A 481 8.20 -11.71 22.55
C ALA A 481 6.78 -11.16 22.35
N ILE A 482 6.61 -10.35 21.32
CA ILE A 482 5.28 -9.83 21.02
C ILE A 482 4.42 -10.99 20.49
N LEU A 483 4.95 -11.71 19.50
CA LEU A 483 4.20 -12.82 18.92
C LEU A 483 3.92 -13.97 19.86
N ASP A 484 4.85 -14.30 20.76
CA ASP A 484 4.58 -15.41 21.65
C ASP A 484 3.92 -15.02 22.97
N GLY A 485 3.72 -13.71 23.14
CA GLY A 485 3.04 -13.20 24.32
C GLY A 485 3.87 -12.97 25.56
N SER A 486 5.16 -13.28 25.50
CA SER A 486 5.94 -13.08 26.72
C SER A 486 5.97 -11.62 27.17
N ILE A 487 5.83 -10.67 26.24
CA ILE A 487 5.84 -9.27 26.63
C ILE A 487 4.68 -8.99 27.58
N GLU A 488 3.60 -9.74 27.47
CA GLU A 488 2.44 -9.52 28.33
C GLU A 488 2.65 -10.05 29.75
N LYS A 489 3.74 -10.77 29.96
CA LYS A 489 4.03 -11.31 31.28
C LYS A 489 5.11 -10.50 31.97
N ALA A 490 5.69 -9.54 31.25
CA ALA A 490 6.76 -8.71 31.78
C ALA A 490 6.28 -7.63 32.74
N GLU A 491 7.12 -7.29 33.71
CA GLU A 491 6.78 -6.20 34.61
C GLU A 491 7.01 -4.96 33.76
N MET A 492 6.15 -3.98 33.92
CA MET A 492 6.24 -2.76 33.13
C MET A 492 6.61 -1.52 33.92
N GLY A 493 7.36 -0.66 33.24
CA GLY A 493 7.74 0.63 33.80
C GLY A 493 7.09 1.62 32.86
N GLU A 494 7.35 2.91 33.03
CA GLU A 494 6.78 3.92 32.15
C GLU A 494 7.82 4.97 31.78
N LEU A 495 7.94 5.24 30.48
CA LEU A 495 8.88 6.23 29.99
C LEU A 495 8.21 7.61 30.10
N PRO A 496 8.92 8.60 30.66
CA PRO A 496 8.38 9.97 30.81
C PRO A 496 8.18 10.66 29.47
N ILE A 497 7.46 11.77 29.50
CA ILE A 497 7.18 12.59 28.32
C ILE A 497 6.22 11.90 27.36
N PHE A 498 6.57 10.69 26.93
CA PHE A 498 5.69 9.95 26.04
C PHE A 498 4.73 9.08 26.83
N ASN A 499 5.07 8.81 28.09
CA ASN A 499 4.21 8.01 28.96
C ASN A 499 3.91 6.64 28.36
N LEU A 500 4.98 6.02 27.91
CA LEU A 500 4.93 4.71 27.25
C LEU A 500 5.28 3.56 28.19
N ALA A 501 4.42 2.56 28.23
CA ALA A 501 4.63 1.38 29.07
C ALA A 501 5.74 0.56 28.40
N ILE A 502 6.83 0.31 29.13
CA ILE A 502 7.93 -0.47 28.60
C ILE A 502 8.26 -1.67 29.49
N PRO A 503 8.57 -2.81 28.90
CA PRO A 503 8.89 -4.00 29.70
C PRO A 503 10.27 -3.89 30.35
N LYS A 504 10.42 -4.47 31.53
CA LYS A 504 11.69 -4.44 32.23
C LYS A 504 12.63 -5.57 31.80
N ALA A 505 12.08 -6.54 31.08
CA ALA A 505 12.86 -7.68 30.58
C ALA A 505 12.03 -8.45 29.54
N LEU A 506 12.72 -9.06 28.58
CA LEU A 506 12.11 -9.89 27.53
C LEU A 506 13.09 -11.04 27.29
N PRO A 507 12.57 -12.24 26.97
CA PRO A 507 13.44 -13.39 26.75
C PRO A 507 14.43 -13.18 25.62
N GLY A 508 15.72 -13.29 25.95
CA GLY A 508 16.76 -13.15 24.94
C GLY A 508 17.06 -11.73 24.48
N VAL A 509 16.38 -10.75 25.06
CA VAL A 509 16.65 -9.36 24.69
C VAL A 509 17.51 -8.74 25.78
N ASP A 510 18.47 -7.91 25.37
CA ASP A 510 19.35 -7.23 26.31
C ASP A 510 18.51 -6.26 27.15
N PRO A 511 18.41 -6.50 28.47
CA PRO A 511 17.62 -5.61 29.32
C PRO A 511 18.11 -4.17 29.44
N ALA A 512 19.38 -3.94 29.07
CA ALA A 512 19.96 -2.61 29.20
C ALA A 512 19.45 -1.63 28.13
N ILE A 513 18.76 -2.15 27.12
CA ILE A 513 18.26 -1.28 26.07
C ILE A 513 16.76 -0.98 26.17
N LEU A 514 16.03 -1.77 26.95
CA LEU A 514 14.59 -1.59 27.06
C LEU A 514 14.15 -0.19 27.48
N ASP A 515 14.90 0.42 28.41
CA ASP A 515 14.64 1.80 28.81
C ASP A 515 15.72 2.55 28.04
N PRO A 516 15.33 3.30 26.99
CA PRO A 516 16.30 4.03 26.19
C PRO A 516 17.22 4.97 26.97
N ARG A 517 16.76 5.44 28.13
CA ARG A 517 17.56 6.34 28.94
C ARG A 517 18.82 5.61 29.44
N ASP A 518 18.72 4.30 29.61
CA ASP A 518 19.85 3.51 30.07
C ASP A 518 21.02 3.45 29.08
N THR A 519 20.79 3.76 27.81
CA THR A 519 21.86 3.70 26.82
C THR A 519 22.61 5.03 26.72
N TYR A 520 22.27 5.96 27.59
CA TYR A 520 22.92 7.26 27.59
C TYR A 520 23.74 7.46 28.86
N ALA A 521 25.02 7.77 28.67
CA ALA A 521 25.90 8.01 29.81
C ALA A 521 25.39 9.29 30.47
N ASP A 522 25.07 10.27 29.63
CA ASP A 522 24.55 11.54 30.10
C ASP A 522 23.07 11.61 29.76
N LYS A 523 22.23 11.31 30.74
CA LYS A 523 20.79 11.30 30.52
C LYS A 523 20.22 12.64 30.07
N ALA A 524 21.11 13.63 29.93
CA ALA A 524 20.70 14.95 29.48
C ALA A 524 20.56 14.91 27.97
N GLN A 525 21.39 14.10 27.32
CA GLN A 525 21.33 13.99 25.87
C GLN A 525 19.95 13.45 25.48
N TRP A 526 19.46 12.47 26.25
CA TRP A 526 18.14 11.87 26.00
C TRP A 526 17.06 12.91 26.23
N GLN A 527 17.11 13.55 27.39
CA GLN A 527 16.13 14.56 27.77
C GLN A 527 15.90 15.63 26.71
N VAL A 528 16.99 16.24 26.23
CA VAL A 528 16.87 17.30 25.24
C VAL A 528 16.34 16.78 23.92
N LYS A 529 16.75 15.59 23.52
CA LYS A 529 16.26 15.04 22.26
C LYS A 529 14.81 14.60 22.37
N ALA A 530 14.42 14.09 23.55
CA ALA A 530 13.05 13.66 23.79
C ALA A 530 12.12 14.87 23.71
N GLU A 531 12.51 15.97 24.36
CA GLU A 531 11.66 17.17 24.32
C GLU A 531 11.55 17.64 22.88
N ASP A 532 12.64 17.54 22.12
CA ASP A 532 12.63 17.96 20.72
C ASP A 532 11.66 17.07 19.92
N LEU A 533 11.86 15.76 19.99
CA LEU A 533 11.01 14.82 19.26
C LEU A 533 9.55 14.97 19.68
N ALA A 534 9.32 15.15 20.98
CA ALA A 534 7.96 15.31 21.49
C ALA A 534 7.33 16.54 20.83
N ASN A 535 8.11 17.63 20.76
CA ASN A 535 7.64 18.86 20.13
C ASN A 535 7.25 18.61 18.67
N ARG A 536 8.06 17.82 17.96
CA ARG A 536 7.77 17.53 16.56
C ARG A 536 6.47 16.75 16.41
N PHE A 537 6.21 15.80 17.31
CA PHE A 537 4.95 15.06 17.26
C PHE A 537 3.77 16.01 17.50
N VAL A 538 3.88 16.86 18.52
CA VAL A 538 2.81 17.77 18.89
C VAL A 538 2.52 18.78 17.76
N LYS A 539 3.57 19.29 17.11
CA LYS A 539 3.35 20.23 16.01
C LYS A 539 2.73 19.49 14.82
N ASN A 540 3.23 18.29 14.54
CA ASN A 540 2.71 17.52 13.42
C ASN A 540 1.22 17.21 13.58
N PHE A 541 0.81 16.98 14.82
CA PHE A 541 -0.59 16.60 15.08
C PHE A 541 -1.65 17.67 14.87
N VAL A 542 -1.26 18.93 15.01
CA VAL A 542 -2.22 20.03 14.88
C VAL A 542 -3.14 19.95 13.67
N LYS A 543 -2.58 19.71 12.50
CA LYS A 543 -3.41 19.64 11.30
C LYS A 543 -4.50 18.56 11.41
N TYR A 544 -4.22 17.44 12.08
CA TYR A 544 -5.22 16.41 12.19
C TYR A 544 -6.33 16.79 13.16
N THR A 545 -6.04 17.73 14.06
CA THR A 545 -7.05 18.15 15.03
C THR A 545 -8.22 18.90 14.38
N ALA A 546 -8.11 19.20 13.07
CA ALA A 546 -9.21 19.86 12.38
C ALA A 546 -10.46 18.97 12.48
N ASN A 547 -10.26 17.66 12.65
CA ASN A 547 -11.37 16.72 12.83
C ASN A 547 -11.55 16.64 14.36
N PRO A 548 -12.76 16.98 14.85
CA PRO A 548 -12.97 16.95 16.30
C PRO A 548 -12.73 15.65 17.03
N GLU A 549 -12.88 14.51 16.35
CA GLU A 549 -12.61 13.25 17.03
C GLU A 549 -11.12 13.12 17.25
N ALA A 550 -10.32 13.54 16.27
CA ALA A 550 -8.87 13.45 16.41
C ALA A 550 -8.37 14.47 17.43
N ALA A 551 -9.05 15.62 17.51
CA ALA A 551 -8.65 16.66 18.46
C ALA A 551 -8.60 16.12 19.90
N LYS A 552 -9.46 15.15 20.22
CA LYS A 552 -9.48 14.59 21.57
C LYS A 552 -8.28 13.73 21.91
N LEU A 553 -7.52 13.32 20.90
CA LEU A 553 -6.35 12.46 21.14
C LEU A 553 -5.09 13.20 21.59
N VAL A 554 -5.12 14.52 21.60
CA VAL A 554 -3.94 15.25 22.00
C VAL A 554 -3.43 14.76 23.36
N GLY A 555 -4.36 14.50 24.28
CA GLY A 555 -3.96 14.05 25.61
C GLY A 555 -3.24 12.71 25.66
N ALA A 556 -3.34 11.92 24.59
CA ALA A 556 -2.68 10.61 24.54
C ALA A 556 -1.28 10.73 23.96
N GLY A 557 -0.99 11.89 23.36
CA GLY A 557 0.31 12.13 22.78
C GLY A 557 1.35 12.60 23.78
N PRO A 558 2.59 12.89 23.34
CA PRO A 558 3.59 13.32 24.29
C PRO A 558 3.30 14.69 24.91
N LYS A 559 3.80 14.88 26.13
CA LYS A 559 3.59 16.11 26.87
C LYS A 559 4.95 16.76 27.17
MN MN B . 2.28 0.26 -0.54
P PO4 C . 11.66 -1.83 5.22
O1 PO4 C . 11.90 -0.96 4.04
O2 PO4 C . 12.93 -2.00 5.97
O3 PO4 C . 11.16 -3.15 4.77
O4 PO4 C . 10.64 -1.19 6.12
P PO4 D . -3.94 -17.94 -7.96
O1 PO4 D . -3.63 -17.58 -9.37
O2 PO4 D . -5.34 -17.53 -7.65
O3 PO4 D . -3.00 -17.22 -7.04
O4 PO4 D . -3.79 -19.40 -7.77
C2 DT3 E . -7.43 11.85 -27.89
O2 DT3 E . -8.21 9.80 -28.98
C3 DT3 E . -8.37 11.25 -28.98
O3 DT3 E . -6.06 11.69 -28.33
C4 DT3 E . -8.00 11.80 -30.35
S2 DT3 E . -9.23 11.40 -31.59
O4 DT3 E . -8.71 12.03 -32.95
O5 DT3 E . -9.36 9.76 -31.70
O6 DT3 E . -10.61 12.04 -31.12
C1 DT3 E . -7.55 11.20 -26.48
S1 DT3 E . -6.45 12.03 -25.42
C1 BME F . -15.95 20.33 -1.80
C2 BME F . -16.36 18.84 -1.76
O1 BME F . -15.26 20.75 -2.80
S2 BME F . -17.52 18.21 -3.00
C1 BME G . 6.37 -9.73 -0.87
C2 BME G . 5.19 -10.71 -1.03
O1 BME G . 6.82 -9.25 -1.95
S2 BME G . 3.83 -9.94 -1.78
C PYR H . 3.94 2.51 -5.07
O PYR H . 4.10 3.10 -6.15
OXT PYR H . 3.77 1.26 -4.93
CA PYR H . 4.02 3.37 -4.00
O3 PYR H . 2.93 3.74 -3.55
CB PYR H . 5.36 3.85 -3.47
C FMT I . 13.89 -2.45 -22.00
O1 FMT I . 13.92 -0.99 -22.47
O2 FMT I . 12.54 -2.82 -21.31
C FMT J . 11.50 4.44 -18.85
O1 FMT J . 10.93 4.88 -20.18
O2 FMT J . 11.05 5.35 -17.68
C FMT K . 4.92 8.78 -21.41
O1 FMT K . 6.41 9.04 -21.43
O2 FMT K . 4.18 9.56 -20.28
#